data_5KNS
#
_entry.id   5KNS
#
_cell.length_a   84.411
_cell.length_b   84.411
_cell.length_c   167.140
_cell.angle_alpha   90.000
_cell.angle_beta   90.000
_cell.angle_gamma   120.000
#
_symmetry.space_group_name_H-M   'P 31 2 1'
#
loop_
_entity.id
_entity.type
_entity.pdbx_description
1 polymer 'Hypoxanthine-guanine phosphoribosyltransferase'
2 non-polymer '(2-{[2-(6-oxo-1,6-dihydro-9H-purin-9-yl)ethyl](2-{[(E)-2-phosphonoethenyl]oxy}ethyl)amino}ethyl)phosphonic acid'
3 non-polymer 'MAGNESIUM ION'
4 non-polymer '4-(2-HYDROXYETHYL)-1-PIPERAZINE ETHANESULFONIC ACID'
5 water water
#
_entity_poly.entity_id   1
_entity_poly.type   'polypeptide(L)'
_entity_poly.pdbx_seq_one_letter_code
;MVRDMKHTVEVMIPEAEIKARIAELGRQITERYKDSGSDMVLVGLLRGSFMFMADLCREVQVSHEVDFMTASSYGSGMST
TRDVKILKDLDEDIRGKDVLIVEDIIDSGNTLSKVREILSLREPKSLAICTLLDKPSRREVNVPVEFIGFSIPDEFVVGY
GIDYAQRYRHLPYIGKVILLDE
;
_entity_poly.pdbx_strand_id   A,B
#
loop_
_chem_comp.id
_chem_comp.type
_chem_comp.name
_chem_comp.formula
3L7 non-polymer '(2-{[2-(6-oxo-1,6-dihydro-9H-purin-9-yl)ethyl](2-{[(E)-2-phosphonoethenyl]oxy}ethyl)amino}ethyl)phosphonic acid' 'C13 H21 N5 O8 P2'
EPE non-polymer '4-(2-HYDROXYETHYL)-1-PIPERAZINE ETHANESULFONIC ACID' 'C8 H18 N2 O4 S'
MG non-polymer 'MAGNESIUM ION' 'Mg 2'
#
# COMPACT_ATOMS: atom_id res chain seq x y z
N ASP A 4 -21.78 -11.75 -8.23
CA ASP A 4 -22.13 -10.33 -8.21
C ASP A 4 -23.63 -10.15 -8.35
N MET A 5 -24.21 -9.36 -7.45
CA MET A 5 -25.66 -9.16 -7.43
C MET A 5 -26.03 -7.68 -7.44
N LYS A 6 -27.30 -7.38 -7.71
CA LYS A 6 -27.79 -6.01 -7.68
C LYS A 6 -27.72 -5.47 -6.25
N HIS A 7 -27.01 -4.36 -6.08
CA HIS A 7 -26.74 -3.86 -4.73
C HIS A 7 -26.49 -2.35 -4.67
N THR A 8 -26.19 -1.88 -3.46
CA THR A 8 -25.83 -0.50 -3.22
C THR A 8 -24.97 -0.42 -1.96
N VAL A 9 -24.25 0.69 -1.80
CA VAL A 9 -23.32 0.82 -0.68
C VAL A 9 -23.55 2.09 0.14
N GLU A 10 -23.73 1.92 1.44
CA GLU A 10 -23.91 3.06 2.34
C GLU A 10 -22.81 3.07 3.41
N VAL A 11 -22.50 4.27 3.92
CA VAL A 11 -21.42 4.45 4.87
C VAL A 11 -21.70 3.80 6.21
N MET A 12 -20.73 3.02 6.70
CA MET A 12 -20.81 2.42 8.02
C MET A 12 -19.85 3.10 8.99
N ILE A 13 -18.59 3.23 8.56
CA ILE A 13 -17.59 3.95 9.33
C ILE A 13 -16.96 5.04 8.48
N PRO A 14 -17.36 6.31 8.72
CA PRO A 14 -16.83 7.47 8.00
C PRO A 14 -15.31 7.58 8.12
N GLU A 15 -14.67 8.23 7.17
CA GLU A 15 -13.21 8.32 7.15
C GLU A 15 -12.70 9.18 8.30
N ALA A 16 -13.56 10.02 8.86
CA ALA A 16 -13.21 10.83 10.02
C ALA A 16 -13.01 9.95 11.25
N GLU A 17 -13.89 8.95 11.40
CA GLU A 17 -13.83 8.04 12.53
C GLU A 17 -12.71 7.02 12.37
N ILE A 18 -12.45 6.64 11.12
CA ILE A 18 -11.34 5.74 10.83
C ILE A 18 -10.01 6.42 11.17
N LYS A 19 -9.88 7.67 10.75
CA LYS A 19 -8.66 8.45 10.99
C LYS A 19 -8.41 8.64 12.48
N ALA A 20 -9.46 8.93 13.23
CA ALA A 20 -9.35 9.16 14.67
C ALA A 20 -8.96 7.87 15.40
N ARG A 21 -9.47 6.75 14.92
CA ARG A 21 -9.21 5.46 15.54
C ARG A 21 -7.77 5.01 15.28
N ILE A 22 -7.28 5.27 14.08
CA ILE A 22 -5.92 4.90 13.69
C ILE A 22 -4.92 5.75 14.45
N ALA A 23 -5.28 7.01 14.72
CA ALA A 23 -4.45 7.89 15.53
C ALA A 23 -4.24 7.29 16.91
N GLU A 24 -5.30 6.73 17.50
N GLU A 24 -5.31 6.74 17.49
CA GLU A 24 -5.22 6.10 18.81
CA GLU A 24 -5.25 6.09 18.79
C GLU A 24 -4.40 4.81 18.73
C GLU A 24 -4.41 4.82 18.73
N LEU A 25 -4.57 4.08 17.64
CA LEU A 25 -3.81 2.84 17.42
C LEU A 25 -2.32 3.14 17.35
N GLY A 26 -1.98 4.22 16.65
CA GLY A 26 -0.60 4.65 16.52
C GLY A 26 0.04 4.97 17.85
N ARG A 27 -0.72 5.61 18.73
CA ARG A 27 -0.24 5.95 20.06
C ARG A 27 0.00 4.69 20.89
N GLN A 28 -0.90 3.73 20.76
CA GLN A 28 -0.78 2.46 21.47
C GLN A 28 0.45 1.68 21.02
N ILE A 29 0.61 1.56 19.71
CA ILE A 29 1.74 0.85 19.12
C ILE A 29 3.05 1.53 19.50
N THR A 30 3.06 2.86 19.44
CA THR A 30 4.24 3.64 19.81
C THR A 30 4.61 3.39 21.27
N GLU A 31 3.60 3.36 22.14
CA GLU A 31 3.81 3.10 23.56
C GLU A 31 4.40 1.72 23.79
N ARG A 32 3.92 0.75 23.03
CA ARG A 32 4.31 -0.65 23.20
C ARG A 32 5.74 -0.92 22.75
N TYR A 33 6.20 -0.19 21.74
CA TYR A 33 7.46 -0.52 21.06
C TYR A 33 8.55 0.54 21.17
N LYS A 34 8.29 1.62 21.90
CA LYS A 34 9.23 2.74 21.97
C LYS A 34 10.59 2.38 22.57
N ASP A 35 10.58 1.59 23.63
CA ASP A 35 11.80 1.31 24.37
C ASP A 35 12.40 -0.06 24.04
N SER A 36 12.05 -0.59 22.87
CA SER A 36 12.50 -1.92 22.48
C SER A 36 14.00 -1.96 22.20
N GLY A 37 14.47 -1.04 21.35
CA GLY A 37 15.87 -1.00 20.99
C GLY A 37 16.16 -1.84 19.76
N SER A 38 15.41 -2.93 19.61
CA SER A 38 15.54 -3.77 18.43
C SER A 38 14.85 -3.14 17.24
N ASP A 39 15.23 -3.57 16.03
CA ASP A 39 14.61 -3.05 14.82
C ASP A 39 13.15 -3.47 14.74
N MET A 40 12.32 -2.61 14.15
CA MET A 40 10.90 -2.89 14.03
C MET A 40 10.49 -2.97 12.56
N VAL A 41 9.46 -3.75 12.27
CA VAL A 41 8.95 -3.88 10.91
C VAL A 41 7.45 -4.17 10.90
N LEU A 42 6.72 -3.40 10.09
CA LEU A 42 5.30 -3.65 9.89
C LEU A 42 5.10 -4.50 8.64
N VAL A 43 4.43 -5.64 8.80
CA VAL A 43 4.17 -6.54 7.69
C VAL A 43 2.70 -6.52 7.29
N GLY A 44 2.41 -6.08 6.08
CA GLY A 44 1.06 -6.01 5.59
C GLY A 44 0.69 -7.18 4.70
N LEU A 45 -0.53 -7.67 4.85
CA LEU A 45 -1.02 -8.77 4.02
C LEU A 45 -1.80 -8.23 2.82
N LEU A 46 -1.16 -8.28 1.65
CA LEU A 46 -1.75 -7.76 0.43
C LEU A 46 -2.86 -8.70 -0.07
N ARG A 47 -3.88 -8.14 -0.73
CA ARG A 47 -3.94 -6.73 -1.09
C ARG A 47 -4.67 -5.85 -0.07
N GLY A 48 -5.60 -6.45 0.66
CA GLY A 48 -6.54 -5.70 1.48
C GLY A 48 -6.02 -4.75 2.54
N SER A 49 -4.72 -4.80 2.82
CA SER A 49 -4.18 -4.04 3.95
C SER A 49 -3.28 -2.88 3.55
N PHE A 50 -3.23 -2.53 2.27
CA PHE A 50 -2.29 -1.52 1.81
C PHE A 50 -2.69 -0.11 2.27
N MET A 51 -3.98 0.18 2.26
CA MET A 51 -4.46 1.51 2.65
C MET A 51 -4.36 1.67 4.16
N PHE A 52 -4.72 0.62 4.89
CA PHE A 52 -4.61 0.61 6.35
C PHE A 52 -3.15 0.76 6.77
N MET A 53 -2.26 0.11 6.05
CA MET A 53 -0.83 0.19 6.32
C MET A 53 -0.30 1.62 6.15
N ALA A 54 -0.72 2.27 5.07
CA ALA A 54 -0.24 3.60 4.74
C ALA A 54 -0.60 4.63 5.81
N ASP A 55 -1.81 4.53 6.33
CA ASP A 55 -2.29 5.47 7.34
C ASP A 55 -1.73 5.14 8.72
N LEU A 56 -1.60 3.84 9.01
CA LEU A 56 -1.16 3.41 10.33
C LEU A 56 0.31 3.70 10.59
N CYS A 57 1.17 3.34 9.63
CA CYS A 57 2.61 3.50 9.81
C CYS A 57 3.01 4.96 9.94
N ARG A 58 2.18 5.86 9.41
CA ARG A 58 2.41 7.29 9.54
C ARG A 58 2.04 7.77 10.95
N GLU A 59 1.29 6.95 11.67
CA GLU A 59 0.87 7.28 13.03
C GLU A 59 1.76 6.57 14.06
N VAL A 60 2.65 5.71 13.58
CA VAL A 60 3.60 5.03 14.45
C VAL A 60 4.89 5.85 14.55
N GLN A 61 5.11 6.45 15.71
CA GLN A 61 6.27 7.33 15.92
C GLN A 61 7.50 6.55 16.39
N VAL A 62 7.74 5.42 15.75
CA VAL A 62 8.91 4.59 16.04
C VAL A 62 9.58 4.16 14.73
N SER A 63 10.90 4.28 14.67
CA SER A 63 11.65 3.86 13.49
C SER A 63 11.39 2.40 13.15
N HIS A 64 10.77 2.17 12.01
CA HIS A 64 10.46 0.81 11.57
C HIS A 64 10.55 0.66 10.06
N GLU A 65 10.57 -0.59 9.60
CA GLU A 65 10.57 -0.89 8.18
C GLU A 65 9.17 -1.30 7.75
N VAL A 66 8.90 -1.22 6.45
CA VAL A 66 7.59 -1.62 5.94
C VAL A 66 7.73 -2.71 4.88
N ASP A 67 7.12 -3.86 5.13
CA ASP A 67 7.18 -4.98 4.21
C ASP A 67 5.80 -5.55 3.95
N PHE A 68 5.68 -6.33 2.87
CA PHE A 68 4.41 -6.96 2.53
C PHE A 68 4.61 -8.42 2.11
N MET A 69 3.56 -9.21 2.26
CA MET A 69 3.54 -10.56 1.70
C MET A 69 2.12 -10.89 1.23
N THR A 70 2.02 -11.80 0.27
CA THR A 70 0.73 -12.19 -0.27
C THR A 70 0.47 -13.67 -0.05
N ALA A 71 -0.61 -13.98 0.66
CA ALA A 71 -0.93 -15.36 1.02
C ALA A 71 -2.07 -15.93 0.18
N SER A 72 -2.14 -17.25 0.11
CA SER A 72 -3.16 -17.93 -0.68
C SER A 72 -4.54 -17.85 -0.04
N SER A 73 -5.45 -17.17 -0.73
CA SER A 73 -6.83 -17.06 -0.26
C SER A 73 -7.81 -17.09 -1.44
N THR A 81 -10.78 -27.10 4.13
CA THR A 81 -10.14 -25.90 3.59
C THR A 81 -8.89 -26.26 2.80
N ARG A 82 -8.24 -25.25 2.23
CA ARG A 82 -7.03 -25.45 1.44
C ARG A 82 -5.81 -24.93 2.18
N ASP A 83 -4.62 -25.25 1.66
CA ASP A 83 -3.37 -24.87 2.31
C ASP A 83 -3.07 -23.38 2.11
N VAL A 84 -2.59 -22.75 3.18
CA VAL A 84 -2.14 -21.36 3.10
C VAL A 84 -0.76 -21.31 2.48
N LYS A 85 -0.70 -20.89 1.22
CA LYS A 85 0.55 -20.85 0.49
C LYS A 85 0.98 -19.42 0.21
N ILE A 86 2.28 -19.20 0.04
CA ILE A 86 2.83 -17.87 -0.10
C ILE A 86 3.08 -17.50 -1.56
N LEU A 87 2.27 -16.58 -2.07
CA LEU A 87 2.41 -16.13 -3.45
C LEU A 87 3.55 -15.13 -3.58
N LYS A 88 3.78 -14.38 -2.51
CA LYS A 88 4.90 -13.45 -2.44
C LYS A 88 5.39 -13.33 -1.00
N ASP A 89 6.66 -13.66 -0.77
CA ASP A 89 7.21 -13.62 0.56
C ASP A 89 7.73 -12.22 0.89
N LEU A 90 8.21 -12.05 2.12
CA LEU A 90 8.78 -10.78 2.54
C LEU A 90 10.04 -10.46 1.74
N ASP A 91 10.37 -9.18 1.65
CA ASP A 91 11.59 -8.77 0.96
C ASP A 91 12.78 -8.77 1.93
N GLU A 92 12.52 -8.44 3.19
CA GLU A 92 13.57 -8.34 4.18
C GLU A 92 13.45 -9.40 5.27
N ASP A 93 14.49 -9.53 6.09
CA ASP A 93 14.50 -10.50 7.18
C ASP A 93 13.79 -9.93 8.40
N ILE A 94 13.32 -10.83 9.27
CA ILE A 94 12.62 -10.41 10.48
C ILE A 94 13.23 -11.04 11.73
N ARG A 95 14.32 -11.77 11.54
CA ARG A 95 14.98 -12.45 12.66
C ARG A 95 15.54 -11.44 13.67
N GLY A 96 15.08 -11.54 14.91
CA GLY A 96 15.54 -10.67 15.97
C GLY A 96 14.86 -9.31 15.99
N LYS A 97 13.85 -9.15 15.14
CA LYS A 97 13.14 -7.88 15.04
C LYS A 97 11.76 -7.95 15.68
N ASP A 98 11.21 -6.79 15.99
CA ASP A 98 9.83 -6.69 16.46
C ASP A 98 8.90 -6.59 15.26
N VAL A 99 8.03 -7.59 15.11
CA VAL A 99 7.17 -7.68 13.93
C VAL A 99 5.70 -7.45 14.26
N LEU A 100 5.06 -6.54 13.53
CA LEU A 100 3.64 -6.28 13.69
C LEU A 100 2.90 -6.55 12.38
N ILE A 101 2.15 -7.65 12.36
CA ILE A 101 1.38 -8.01 11.17
C ILE A 101 0.15 -7.11 11.04
N VAL A 102 0.01 -6.49 9.87
CA VAL A 102 -1.07 -5.53 9.63
C VAL A 102 -2.11 -6.09 8.66
N GLU A 103 -3.29 -6.37 9.18
CA GLU A 103 -4.39 -6.92 8.38
C GLU A 103 -5.57 -5.96 8.35
N ASP A 104 -6.38 -6.07 7.29
CA ASP A 104 -7.59 -5.24 7.18
C ASP A 104 -8.70 -5.80 8.07
N ILE A 105 -8.93 -7.10 8.00
CA ILE A 105 -9.99 -7.72 8.79
C ILE A 105 -9.64 -9.15 9.22
N ILE A 106 -9.57 -9.38 10.53
CA ILE A 106 -9.48 -10.73 11.06
C ILE A 106 -10.91 -11.28 11.14
N ASP A 107 -11.07 -12.59 10.93
CA ASP A 107 -12.41 -13.10 10.68
C ASP A 107 -12.55 -14.52 11.21
N SER A 108 -12.28 -15.50 10.36
CA SER A 108 -12.31 -16.90 10.77
C SER A 108 -11.06 -17.22 11.57
N GLY A 109 -9.99 -16.50 11.28
CA GLY A 109 -8.72 -16.68 11.97
C GLY A 109 -7.78 -17.61 11.24
N ASN A 110 -8.26 -18.24 10.17
CA ASN A 110 -7.50 -19.25 9.45
C ASN A 110 -6.17 -18.75 8.89
N THR A 111 -6.23 -17.84 7.91
CA THR A 111 -5.04 -17.38 7.22
C THR A 111 -4.06 -16.66 8.16
N LEU A 112 -4.58 -15.84 9.06
CA LEU A 112 -3.75 -15.08 9.97
C LEU A 112 -3.04 -16.00 10.97
N SER A 113 -3.65 -17.13 11.28
CA SER A 113 -3.05 -18.11 12.18
C SER A 113 -1.89 -18.82 11.51
N LYS A 114 -2.05 -19.14 10.23
CA LYS A 114 -1.01 -19.81 9.47
C LYS A 114 0.16 -18.88 9.17
N VAL A 115 -0.16 -17.63 8.82
CA VAL A 115 0.86 -16.63 8.53
C VAL A 115 1.73 -16.38 9.76
N ARG A 116 1.09 -16.36 10.93
N ARG A 116 1.09 -16.36 10.93
CA ARG A 116 1.81 -16.14 12.18
CA ARG A 116 1.83 -16.14 12.18
C ARG A 116 2.76 -17.30 12.48
C ARG A 116 2.77 -17.30 12.46
N GLU A 117 2.32 -18.51 12.16
CA GLU A 117 3.13 -19.71 12.36
C GLU A 117 4.35 -19.70 11.44
N ILE A 118 4.12 -19.33 10.18
CA ILE A 118 5.18 -19.27 9.19
C ILE A 118 6.25 -18.25 9.58
N LEU A 119 5.81 -17.07 10.00
CA LEU A 119 6.73 -16.00 10.37
C LEU A 119 7.45 -16.28 11.68
N SER A 120 6.82 -17.06 12.56
CA SER A 120 7.41 -17.39 13.84
C SER A 120 8.64 -18.28 13.68
N LEU A 121 8.66 -19.08 12.62
CA LEU A 121 9.77 -19.97 12.33
C LEU A 121 11.06 -19.20 12.07
N ARG A 122 10.91 -17.95 11.62
CA ARG A 122 12.06 -17.11 11.31
C ARG A 122 12.57 -16.42 12.57
N GLU A 123 11.98 -16.79 13.70
CA GLU A 123 12.41 -16.37 15.03
C GLU A 123 12.60 -14.86 15.18
N PRO A 124 11.49 -14.10 15.12
CA PRO A 124 11.58 -12.67 15.43
C PRO A 124 11.57 -12.45 16.95
N LYS A 125 12.02 -11.29 17.41
CA LYS A 125 12.04 -10.99 18.84
C LYS A 125 10.63 -11.01 19.41
N SER A 126 9.70 -10.38 18.70
CA SER A 126 8.30 -10.38 19.09
C SER A 126 7.42 -10.49 17.86
N LEU A 127 6.18 -10.91 18.06
CA LEU A 127 5.25 -11.09 16.96
C LEU A 127 3.82 -10.75 17.39
N ALA A 128 3.30 -9.67 16.84
CA ALA A 128 1.96 -9.20 17.19
C ALA A 128 1.12 -8.94 15.94
N ILE A 129 -0.19 -8.85 16.11
CA ILE A 129 -1.11 -8.63 15.01
C ILE A 129 -1.96 -7.38 15.22
N CYS A 130 -2.05 -6.55 14.19
CA CYS A 130 -2.91 -5.37 14.23
C CYS A 130 -3.93 -5.41 13.10
N THR A 131 -5.20 -5.54 13.45
CA THR A 131 -6.27 -5.57 12.45
C THR A 131 -7.18 -4.37 12.56
N LEU A 132 -7.63 -3.86 11.42
CA LEU A 132 -8.54 -2.72 11.40
C LEU A 132 -9.93 -3.15 11.84
N LEU A 133 -10.40 -4.27 11.29
CA LEU A 133 -11.71 -4.78 11.62
C LEU A 133 -11.64 -6.19 12.20
N ASP A 134 -12.55 -6.50 13.12
CA ASP A 134 -12.61 -7.83 13.70
C ASP A 134 -14.03 -8.34 13.75
N LYS A 135 -14.24 -9.57 13.29
CA LYS A 135 -15.52 -10.25 13.41
C LYS A 135 -15.37 -11.43 14.37
N PRO A 136 -15.59 -11.18 15.67
CA PRO A 136 -15.43 -12.18 16.73
C PRO A 136 -16.28 -13.42 16.52
N SER A 137 -17.45 -13.24 15.93
CA SER A 137 -18.41 -14.34 15.76
C SER A 137 -17.93 -15.42 14.79
N ARG A 138 -17.23 -15.03 13.73
CA ARG A 138 -16.88 -15.98 12.68
C ARG A 138 -15.63 -16.78 13.02
N ARG A 139 -15.15 -16.67 14.24
CA ARG A 139 -13.86 -17.23 14.61
C ARG A 139 -13.83 -18.75 14.59
N GLU A 140 -12.80 -19.31 13.95
CA GLU A 140 -12.63 -20.77 13.90
C GLU A 140 -11.32 -21.19 14.56
N VAL A 141 -10.31 -20.33 14.47
CA VAL A 141 -9.03 -20.56 15.11
C VAL A 141 -8.69 -19.41 16.04
N ASN A 142 -8.45 -19.72 17.32
CA ASN A 142 -8.19 -18.69 18.31
C ASN A 142 -6.77 -18.13 18.22
N VAL A 143 -6.59 -17.17 17.31
CA VAL A 143 -5.32 -16.47 17.15
C VAL A 143 -5.35 -15.16 17.93
N PRO A 144 -4.30 -14.90 18.73
CA PRO A 144 -4.25 -13.68 19.54
C PRO A 144 -4.03 -12.42 18.70
N VAL A 145 -4.94 -11.46 18.84
CA VAL A 145 -4.80 -10.16 18.19
C VAL A 145 -4.62 -9.07 19.25
N GLU A 146 -3.51 -8.33 19.14
CA GLU A 146 -3.16 -7.35 20.16
C GLU A 146 -3.81 -5.98 19.93
N PHE A 147 -3.90 -5.57 18.67
CA PHE A 147 -4.47 -4.27 18.35
C PHE A 147 -5.64 -4.38 17.38
N ILE A 148 -6.83 -3.97 17.83
CA ILE A 148 -8.02 -4.03 17.00
C ILE A 148 -8.63 -2.65 16.82
N GLY A 149 -8.90 -2.28 15.56
CA GLY A 149 -9.51 -0.99 15.26
C GLY A 149 -10.98 -0.97 15.62
N PHE A 150 -11.76 -1.81 14.95
CA PHE A 150 -13.19 -1.89 15.22
C PHE A 150 -13.67 -3.34 15.33
N SER A 151 -14.48 -3.61 16.36
CA SER A 151 -15.18 -4.88 16.46
C SER A 151 -16.57 -4.71 15.85
N ILE A 152 -16.82 -5.45 14.77
CA ILE A 152 -18.09 -5.30 14.06
C ILE A 152 -18.88 -6.60 14.06
N PRO A 153 -20.22 -6.49 13.96
CA PRO A 153 -21.01 -7.71 13.80
C PRO A 153 -20.79 -8.32 12.43
N ASP A 154 -21.44 -9.44 12.15
CA ASP A 154 -21.21 -10.15 10.91
C ASP A 154 -21.87 -9.46 9.71
N GLU A 155 -21.38 -8.28 9.36
CA GLU A 155 -21.94 -7.52 8.26
C GLU A 155 -21.06 -7.60 7.02
N PHE A 156 -21.69 -7.45 5.85
CA PHE A 156 -20.98 -7.43 4.59
C PHE A 156 -20.40 -6.04 4.35
N VAL A 157 -19.12 -5.87 4.67
CA VAL A 157 -18.48 -4.56 4.59
C VAL A 157 -17.46 -4.46 3.46
N VAL A 158 -17.33 -3.26 2.91
CA VAL A 158 -16.35 -2.97 1.86
C VAL A 158 -15.69 -1.64 2.11
N GLY A 159 -14.69 -1.30 1.29
CA GLY A 159 -14.00 -0.05 1.41
C GLY A 159 -12.69 -0.16 2.16
N TYR A 160 -11.84 0.85 2.01
CA TYR A 160 -10.58 0.94 2.74
C TYR A 160 -9.70 -0.28 2.51
N GLY A 161 -9.61 -0.73 1.27
CA GLY A 161 -8.79 -1.88 0.92
C GLY A 161 -9.61 -3.15 0.77
N ILE A 162 -10.74 -3.22 1.47
CA ILE A 162 -11.62 -4.38 1.39
C ILE A 162 -12.50 -4.31 0.15
N ASP A 163 -12.59 -5.42 -0.58
CA ASP A 163 -13.28 -5.43 -1.85
C ASP A 163 -14.54 -6.29 -1.86
N TYR A 164 -15.38 -6.07 -2.87
CA TYR A 164 -16.46 -6.98 -3.22
C TYR A 164 -16.42 -7.19 -4.72
N ALA A 165 -15.94 -8.36 -5.14
CA ALA A 165 -15.70 -8.67 -6.55
C ALA A 165 -14.80 -7.60 -7.17
N GLN A 166 -13.69 -7.33 -6.48
CA GLN A 166 -12.66 -6.38 -6.92
C GLN A 166 -13.16 -4.94 -7.03
N ARG A 167 -14.23 -4.62 -6.31
N ARG A 167 -14.23 -4.62 -6.31
CA ARG A 167 -14.77 -3.26 -6.31
CA ARG A 167 -14.76 -3.26 -6.31
C ARG A 167 -14.65 -2.60 -4.94
C ARG A 167 -14.61 -2.59 -4.95
N TYR A 168 -14.75 -1.26 -4.93
CA TYR A 168 -14.77 -0.47 -3.71
C TYR A 168 -13.52 -0.54 -2.82
N ARG A 169 -12.38 -0.98 -3.36
CA ARG A 169 -11.15 -0.99 -2.58
C ARG A 169 -10.70 0.43 -2.23
N HIS A 170 -11.05 1.38 -3.09
CA HIS A 170 -10.53 2.73 -3.02
C HIS A 170 -11.40 3.69 -2.20
N LEU A 171 -12.46 3.16 -1.60
CA LEU A 171 -13.33 3.99 -0.76
C LEU A 171 -12.59 4.41 0.51
N PRO A 172 -12.66 5.71 0.84
CA PRO A 172 -12.00 6.24 2.04
C PRO A 172 -12.73 5.84 3.33
N TYR A 173 -13.89 5.22 3.17
CA TYR A 173 -14.69 4.81 4.33
C TYR A 173 -15.03 3.33 4.28
N ILE A 174 -15.47 2.78 5.41
CA ILE A 174 -16.00 1.43 5.45
C ILE A 174 -17.48 1.45 5.15
N GLY A 175 -17.87 0.86 4.02
CA GLY A 175 -19.27 0.85 3.62
C GLY A 175 -19.91 -0.51 3.80
N LYS A 176 -21.23 -0.52 3.96
CA LYS A 176 -21.97 -1.77 4.03
C LYS A 176 -22.69 -2.04 2.71
N VAL A 177 -22.58 -3.27 2.22
CA VAL A 177 -23.23 -3.65 0.98
C VAL A 177 -24.67 -4.07 1.23
N ILE A 178 -25.61 -3.38 0.57
CA ILE A 178 -27.02 -3.67 0.71
C ILE A 178 -27.55 -4.39 -0.54
N LEU A 179 -27.96 -5.64 -0.36
CA LEU A 179 -28.45 -6.44 -1.48
C LEU A 179 -29.91 -6.11 -1.80
N LEU A 180 -30.25 -6.16 -3.07
CA LEU A 180 -31.59 -5.79 -3.54
C LEU A 180 -32.35 -7.00 -4.07
N ASP B 4 24.85 2.90 5.06
CA ASP B 4 25.27 2.97 6.46
C ASP B 4 26.24 4.12 6.69
N MET B 5 25.84 5.32 6.27
CA MET B 5 26.66 6.51 6.45
C MET B 5 25.93 7.55 7.29
N LYS B 6 26.68 8.26 8.12
CA LYS B 6 26.11 9.30 8.99
C LYS B 6 25.43 10.39 8.17
N HIS B 7 24.21 10.74 8.55
CA HIS B 7 23.42 11.68 7.76
C HIS B 7 22.33 12.39 8.57
N THR B 8 21.50 13.14 7.86
CA THR B 8 20.33 13.79 8.44
C THR B 8 19.24 13.92 7.38
N VAL B 9 18.02 14.21 7.80
CA VAL B 9 16.90 14.33 6.88
C VAL B 9 16.25 15.71 6.94
N GLU B 10 16.23 16.41 5.81
CA GLU B 10 15.59 17.71 5.72
C GLU B 10 14.35 17.67 4.82
N VAL B 11 13.30 18.36 5.23
CA VAL B 11 12.05 18.40 4.49
C VAL B 11 12.21 19.03 3.12
N MET B 12 11.70 18.38 2.08
CA MET B 12 11.67 18.96 0.75
C MET B 12 10.23 19.28 0.35
N ILE B 13 9.34 18.31 0.55
CA ILE B 13 7.93 18.51 0.29
C ILE B 13 7.09 18.16 1.52
N PRO B 14 6.61 19.19 2.23
CA PRO B 14 5.76 19.04 3.43
C PRO B 14 4.53 18.15 3.20
N GLU B 15 3.99 17.60 4.28
CA GLU B 15 2.84 16.70 4.21
C GLU B 15 1.63 17.38 3.57
N ALA B 16 1.40 18.65 3.93
CA ALA B 16 0.27 19.39 3.41
C ALA B 16 0.41 19.65 1.91
N GLU B 17 1.65 19.85 1.47
CA GLU B 17 1.93 20.08 0.05
C GLU B 17 1.60 18.83 -0.78
N ILE B 18 1.95 17.68 -0.23
CA ILE B 18 1.69 16.40 -0.91
C ILE B 18 0.20 16.12 -1.02
N LYS B 19 -0.51 16.28 0.09
CA LYS B 19 -1.95 16.05 0.15
C LYS B 19 -2.69 16.93 -0.85
N ALA B 20 -2.28 18.19 -0.94
CA ALA B 20 -2.89 19.14 -1.86
C ALA B 20 -2.61 18.74 -3.31
N ARG B 21 -1.39 18.27 -3.56
CA ARG B 21 -0.98 17.88 -4.90
C ARG B 21 -1.71 16.63 -5.37
N ILE B 22 -1.83 15.65 -4.48
CA ILE B 22 -2.50 14.40 -4.80
C ILE B 22 -3.99 14.64 -5.03
N ALA B 23 -4.55 15.59 -4.27
CA ALA B 23 -5.94 16.01 -4.47
C ALA B 23 -6.15 16.52 -5.89
N GLU B 24 -5.17 17.27 -6.40
CA GLU B 24 -5.24 17.79 -7.75
C GLU B 24 -5.05 16.68 -8.78
N LEU B 25 -4.08 15.80 -8.53
CA LEU B 25 -3.86 14.64 -9.38
C LEU B 25 -5.13 13.82 -9.50
N GLY B 26 -5.85 13.69 -8.38
CA GLY B 26 -7.10 12.97 -8.35
C GLY B 26 -8.13 13.55 -9.29
N ARG B 27 -8.23 14.87 -9.32
CA ARG B 27 -9.18 15.55 -10.19
C ARG B 27 -8.86 15.34 -11.65
N GLN B 28 -7.57 15.43 -11.99
CA GLN B 28 -7.13 15.27 -13.37
C GLN B 28 -7.36 13.85 -13.87
N ILE B 29 -7.02 12.87 -13.04
CA ILE B 29 -7.22 11.46 -13.39
C ILE B 29 -8.70 11.14 -13.53
N THR B 30 -9.51 11.70 -12.63
CA THR B 30 -10.95 11.50 -12.67
C THR B 30 -11.55 12.05 -13.96
N GLU B 31 -11.14 13.27 -14.32
CA GLU B 31 -11.64 13.93 -15.52
C GLU B 31 -11.33 13.15 -16.80
N ARG B 32 -10.17 12.52 -16.83
N ARG B 32 -10.16 12.55 -16.84
CA ARG B 32 -9.73 11.81 -18.03
CA ARG B 32 -9.71 11.80 -18.00
C ARG B 32 -10.39 10.45 -18.20
C ARG B 32 -10.47 10.50 -18.18
N TYR B 33 -10.70 9.78 -17.08
CA TYR B 33 -11.26 8.44 -17.14
C TYR B 33 -12.75 8.34 -16.76
N LYS B 34 -13.41 9.47 -16.54
CA LYS B 34 -14.80 9.44 -16.07
C LYS B 34 -15.79 8.98 -17.15
N ASP B 35 -15.45 9.24 -18.41
CA ASP B 35 -16.38 8.98 -19.51
C ASP B 35 -16.06 7.68 -20.25
N SER B 36 -15.05 6.96 -19.78
CA SER B 36 -14.68 5.70 -20.40
C SER B 36 -15.65 4.59 -20.02
N GLY B 37 -16.03 3.78 -21.00
CA GLY B 37 -17.01 2.73 -20.78
C GLY B 37 -16.40 1.42 -20.32
N SER B 38 -15.08 1.39 -20.18
CA SER B 38 -14.38 0.18 -19.77
C SER B 38 -13.99 0.22 -18.29
N ASP B 39 -13.60 -0.94 -17.76
CA ASP B 39 -13.14 -1.02 -16.38
C ASP B 39 -11.79 -0.35 -16.23
N MET B 40 -11.45 0.01 -14.99
CA MET B 40 -10.21 0.74 -14.72
C MET B 40 -9.38 0.08 -13.63
N VAL B 41 -8.07 0.02 -13.82
CA VAL B 41 -7.17 -0.56 -12.83
C VAL B 41 -6.04 0.39 -12.48
N LEU B 42 -5.77 0.55 -11.19
CA LEU B 42 -4.57 1.26 -10.74
C LEU B 42 -3.52 0.22 -10.33
N VAL B 43 -2.40 0.23 -11.02
CA VAL B 43 -1.34 -0.73 -10.74
C VAL B 43 -0.16 -0.08 -10.03
N GLY B 44 0.06 -0.46 -8.78
CA GLY B 44 1.14 0.09 -8.00
C GLY B 44 2.37 -0.80 -8.04
N LEU B 45 3.54 -0.17 -8.12
CA LEU B 45 4.79 -0.91 -8.14
C LEU B 45 5.39 -0.99 -6.74
N LEU B 46 5.22 -2.15 -6.11
CA LEU B 46 5.81 -2.42 -4.80
C LEU B 46 7.34 -2.32 -4.90
N ARG B 47 8.00 -1.90 -3.82
CA ARG B 47 7.38 -1.70 -2.52
C ARG B 47 7.03 -0.25 -2.21
N GLY B 48 7.74 0.68 -2.86
CA GLY B 48 7.70 2.08 -2.48
C GLY B 48 6.47 2.91 -2.82
N SER B 49 5.49 2.30 -3.49
CA SER B 49 4.34 3.07 -3.96
C SER B 49 3.04 2.77 -3.21
N PHE B 50 3.14 2.07 -2.09
CA PHE B 50 1.94 1.67 -1.35
C PHE B 50 1.24 2.87 -0.73
N MET B 51 2.01 3.84 -0.27
CA MET B 51 1.45 5.02 0.38
C MET B 51 0.84 5.98 -0.62
N PHE B 52 1.56 6.20 -1.74
CA PHE B 52 1.06 7.04 -2.81
C PHE B 52 -0.25 6.48 -3.36
N MET B 53 -0.27 5.17 -3.59
CA MET B 53 -1.46 4.50 -4.10
C MET B 53 -2.65 4.69 -3.17
N ALA B 54 -2.42 4.53 -1.87
CA ALA B 54 -3.48 4.61 -0.88
C ALA B 54 -4.14 5.99 -0.86
N ASP B 55 -3.33 7.03 -1.00
CA ASP B 55 -3.84 8.39 -0.97
C ASP B 55 -4.44 8.81 -2.32
N LEU B 56 -3.84 8.32 -3.40
CA LEU B 56 -4.27 8.71 -4.74
C LEU B 56 -5.62 8.09 -5.12
N CYS B 57 -5.77 6.79 -4.86
CA CYS B 57 -6.99 6.09 -5.24
C CYS B 57 -8.21 6.61 -4.49
N ARG B 58 -7.98 7.18 -3.31
CA ARG B 58 -9.05 7.79 -2.53
C ARG B 58 -9.46 9.14 -3.13
N GLU B 59 -8.60 9.68 -4.00
CA GLU B 59 -8.89 10.94 -4.67
C GLU B 59 -9.38 10.71 -6.09
N VAL B 60 -9.27 9.48 -6.57
CA VAL B 60 -9.78 9.11 -7.88
C VAL B 60 -11.26 8.77 -7.79
N GLN B 61 -12.10 9.67 -8.28
CA GLN B 61 -13.55 9.51 -8.17
C GLN B 61 -14.14 8.70 -9.32
N VAL B 62 -13.47 7.62 -9.68
CA VAL B 62 -13.93 6.72 -10.71
C VAL B 62 -13.84 5.27 -10.24
N SER B 63 -14.91 4.50 -10.45
CA SER B 63 -14.95 3.10 -10.04
C SER B 63 -13.82 2.31 -10.69
N HIS B 64 -12.84 1.90 -9.88
CA HIS B 64 -11.68 1.18 -10.39
C HIS B 64 -11.23 0.07 -9.46
N GLU B 65 -10.25 -0.70 -9.92
CA GLU B 65 -9.66 -1.77 -9.12
C GLU B 65 -8.25 -1.36 -8.70
N VAL B 66 -7.76 -1.97 -7.63
CA VAL B 66 -6.40 -1.70 -7.16
C VAL B 66 -5.57 -2.99 -7.16
N ASP B 67 -4.45 -2.97 -7.87
CA ASP B 67 -3.58 -4.13 -7.96
C ASP B 67 -2.13 -3.72 -7.78
N PHE B 68 -1.26 -4.70 -7.53
CA PHE B 68 0.15 -4.45 -7.33
C PHE B 68 1.01 -5.50 -8.04
N MET B 69 2.17 -5.08 -8.51
CA MET B 69 3.17 -6.02 -9.01
C MET B 69 4.54 -5.62 -8.53
N THR B 70 5.44 -6.58 -8.41
CA THR B 70 6.78 -6.32 -7.91
C THR B 70 7.86 -6.68 -8.93
N ALA B 71 8.57 -5.67 -9.40
CA ALA B 71 9.66 -5.86 -10.36
C ALA B 71 10.94 -5.21 -9.87
N SER B 72 12.07 -5.67 -10.39
CA SER B 72 13.37 -5.11 -10.05
C SER B 72 14.43 -5.55 -11.06
N SER B 73 15.37 -4.66 -11.34
CA SER B 73 16.45 -4.97 -12.27
C SER B 73 17.51 -5.85 -11.61
N THR B 80 25.43 -3.95 -12.50
CA THR B 80 25.71 -3.84 -13.94
C THR B 80 24.51 -3.30 -14.71
N THR B 81 23.84 -4.15 -15.46
CA THR B 81 22.64 -3.78 -16.20
C THR B 81 21.77 -5.03 -16.39
N ARG B 82 21.01 -5.36 -15.36
CA ARG B 82 20.25 -6.61 -15.36
C ARG B 82 18.85 -6.45 -15.95
N ASP B 83 18.24 -7.57 -16.32
CA ASP B 83 16.91 -7.58 -16.89
C ASP B 83 15.86 -7.27 -15.83
N VAL B 84 14.78 -6.63 -16.24
CA VAL B 84 13.66 -6.36 -15.34
C VAL B 84 12.80 -7.61 -15.21
N LYS B 85 12.86 -8.24 -14.04
CA LYS B 85 12.13 -9.48 -13.80
C LYS B 85 10.90 -9.25 -12.94
N ILE B 86 9.90 -10.10 -13.11
CA ILE B 86 8.66 -10.00 -12.34
C ILE B 86 8.70 -10.92 -11.12
N LEU B 87 8.84 -10.32 -9.94
CA LEU B 87 8.88 -11.08 -8.70
C LEU B 87 7.47 -11.41 -8.23
N LYS B 88 6.56 -10.46 -8.41
CA LYS B 88 5.15 -10.68 -8.14
C LYS B 88 4.34 -10.04 -9.26
N ASP B 89 3.56 -10.86 -9.96
CA ASP B 89 2.74 -10.35 -11.06
C ASP B 89 1.40 -9.87 -10.54
N LEU B 90 0.59 -9.31 -11.44
CA LEU B 90 -0.75 -8.85 -11.07
C LEU B 90 -1.64 -10.01 -10.68
N ASP B 91 -2.63 -9.74 -9.84
CA ASP B 91 -3.60 -10.75 -9.46
C ASP B 91 -4.71 -10.84 -10.51
N GLU B 92 -5.07 -9.69 -11.07
CA GLU B 92 -6.18 -9.62 -12.01
C GLU B 92 -5.71 -9.35 -13.44
N ASP B 93 -6.60 -9.63 -14.40
CA ASP B 93 -6.31 -9.39 -15.81
C ASP B 93 -6.55 -7.92 -16.16
N ILE B 94 -5.79 -7.41 -17.11
CA ILE B 94 -5.91 -6.01 -17.50
C ILE B 94 -6.33 -5.84 -18.95
N ARG B 95 -6.62 -6.95 -19.61
CA ARG B 95 -7.01 -6.91 -21.03
C ARG B 95 -8.32 -6.15 -21.21
N GLY B 96 -8.28 -5.14 -22.07
CA GLY B 96 -9.45 -4.35 -22.37
C GLY B 96 -9.84 -3.38 -21.27
N LYS B 97 -8.87 -3.05 -20.41
CA LYS B 97 -9.13 -2.16 -19.30
C LYS B 97 -8.23 -0.91 -19.35
N ASP B 98 -8.71 0.17 -18.76
CA ASP B 98 -7.89 1.37 -18.61
C ASP B 98 -6.93 1.18 -17.45
N VAL B 99 -5.64 1.06 -17.77
CA VAL B 99 -4.62 0.81 -16.76
C VAL B 99 -3.80 2.06 -16.46
N LEU B 100 -3.69 2.38 -15.18
CA LEU B 100 -2.84 3.49 -14.76
C LEU B 100 -1.78 3.00 -13.77
N ILE B 101 -0.52 3.01 -14.23
CA ILE B 101 0.59 2.59 -13.39
C ILE B 101 0.92 3.66 -12.35
N VAL B 102 1.08 3.24 -11.11
CA VAL B 102 1.35 4.18 -10.01
C VAL B 102 2.72 3.91 -9.39
N GLU B 103 3.65 4.84 -9.61
CA GLU B 103 5.02 4.70 -9.12
C GLU B 103 5.39 5.85 -8.19
N ASP B 104 6.28 5.58 -7.24
CA ASP B 104 6.70 6.59 -6.28
C ASP B 104 7.66 7.63 -6.87
N ILE B 105 8.62 7.17 -7.68
CA ILE B 105 9.63 8.07 -8.23
C ILE B 105 10.26 7.54 -9.52
N ILE B 106 10.50 8.43 -10.47
CA ILE B 106 11.15 8.06 -11.72
C ILE B 106 12.55 8.66 -11.82
N ASP B 107 13.55 7.80 -11.81
CA ASP B 107 14.94 8.23 -11.84
C ASP B 107 15.49 8.17 -13.26
N SER B 108 15.95 6.99 -13.65
CA SER B 108 16.51 6.79 -14.98
C SER B 108 15.42 6.46 -16.00
N GLY B 109 14.34 5.87 -15.52
CA GLY B 109 13.23 5.49 -16.37
C GLY B 109 13.35 4.07 -16.89
N ASN B 110 14.47 3.43 -16.58
CA ASN B 110 14.74 2.06 -17.04
C ASN B 110 13.66 1.06 -16.65
N THR B 111 13.42 0.95 -15.34
CA THR B 111 12.47 -0.02 -14.81
C THR B 111 11.06 0.19 -15.35
N LEU B 112 10.56 1.42 -15.23
CA LEU B 112 9.21 1.73 -15.65
C LEU B 112 9.01 1.57 -17.15
N SER B 113 10.08 1.77 -17.92
CA SER B 113 10.03 1.58 -19.37
C SER B 113 9.73 0.12 -19.70
N LYS B 114 10.41 -0.79 -19.02
CA LYS B 114 10.23 -2.21 -19.25
C LYS B 114 8.88 -2.70 -18.73
N VAL B 115 8.48 -2.22 -17.57
CA VAL B 115 7.20 -2.61 -16.98
C VAL B 115 6.05 -2.22 -17.89
N ARG B 116 6.13 -1.05 -18.50
CA ARG B 116 5.10 -0.59 -19.42
C ARG B 116 5.05 -1.50 -20.65
N GLU B 117 6.23 -1.93 -21.11
CA GLU B 117 6.31 -2.84 -22.25
C GLU B 117 5.66 -4.18 -21.93
N ILE B 118 5.91 -4.68 -20.72
CA ILE B 118 5.38 -5.96 -20.29
C ILE B 118 3.85 -5.94 -20.22
N LEU B 119 3.31 -4.89 -19.58
CA LEU B 119 1.87 -4.77 -19.41
C LEU B 119 1.16 -4.52 -20.73
N SER B 120 1.85 -3.89 -21.66
CA SER B 120 1.27 -3.56 -22.97
C SER B 120 1.01 -4.81 -23.79
N LEU B 121 1.76 -5.88 -23.50
CA LEU B 121 1.59 -7.15 -24.21
C LEU B 121 0.23 -7.77 -23.94
N ARG B 122 -0.36 -7.45 -22.80
CA ARG B 122 -1.64 -8.01 -22.38
C ARG B 122 -2.80 -7.22 -22.99
N GLU B 123 -2.45 -6.27 -23.86
CA GLU B 123 -3.42 -5.47 -24.62
C GLU B 123 -4.53 -4.85 -23.79
N PRO B 124 -4.19 -3.89 -22.92
CA PRO B 124 -5.23 -3.13 -22.24
C PRO B 124 -5.85 -2.11 -23.18
N LYS B 125 -7.01 -1.56 -22.82
CA LYS B 125 -7.65 -0.54 -23.64
C LYS B 125 -6.76 0.69 -23.75
N SER B 126 -6.22 1.10 -22.60
CA SER B 126 -5.29 2.22 -22.55
C SER B 126 -4.24 1.97 -21.47
N LEU B 127 -3.09 2.63 -21.59
CA LEU B 127 -2.00 2.44 -20.65
C LEU B 127 -1.33 3.78 -20.36
N ALA B 128 -1.26 4.13 -19.07
CA ALA B 128 -0.69 5.41 -18.68
C ALA B 128 0.08 5.30 -17.36
N ILE B 129 0.91 6.31 -17.09
CA ILE B 129 1.76 6.31 -15.92
C ILE B 129 1.51 7.52 -15.03
N CYS B 130 1.37 7.27 -13.73
CA CYS B 130 1.29 8.36 -12.76
C CYS B 130 2.35 8.18 -11.68
N THR B 131 3.33 9.07 -11.66
CA THR B 131 4.37 9.04 -10.65
C THR B 131 4.28 10.26 -9.74
N LEU B 132 4.56 10.07 -8.45
CA LEU B 132 4.51 11.16 -7.49
C LEU B 132 5.70 12.09 -7.68
N LEU B 133 6.89 11.51 -7.76
CA LEU B 133 8.11 12.28 -7.95
C LEU B 133 8.77 11.96 -9.28
N ASP B 134 9.36 13.00 -9.89
CA ASP B 134 10.12 12.83 -11.12
C ASP B 134 11.44 13.58 -11.02
N LYS B 135 12.53 12.90 -11.37
CA LYS B 135 13.86 13.49 -11.31
C LYS B 135 14.47 13.53 -12.71
N PRO B 136 14.07 14.52 -13.52
CA PRO B 136 14.37 14.61 -14.96
C PRO B 136 15.86 14.66 -15.28
N SER B 137 16.69 15.05 -14.31
CA SER B 137 18.12 15.17 -14.53
C SER B 137 18.79 13.81 -14.65
N ARG B 138 18.07 12.76 -14.23
CA ARG B 138 18.62 11.42 -14.22
C ARG B 138 18.02 10.52 -15.29
N ARG B 139 17.09 11.08 -16.07
CA ARG B 139 16.40 10.31 -17.11
C ARG B 139 17.38 9.77 -18.16
N GLU B 140 17.29 8.48 -18.42
CA GLU B 140 18.16 7.84 -19.40
C GLU B 140 17.36 7.29 -20.58
N VAL B 141 16.07 7.06 -20.35
CA VAL B 141 15.18 6.53 -21.38
C VAL B 141 13.95 7.43 -21.52
N ASN B 142 13.59 7.75 -22.76
CA ASN B 142 12.39 8.54 -23.00
C ASN B 142 11.12 7.74 -22.71
N VAL B 143 10.54 7.96 -21.53
CA VAL B 143 9.29 7.31 -21.17
C VAL B 143 8.19 8.34 -20.95
N PRO B 144 7.06 8.18 -21.64
CA PRO B 144 5.92 9.09 -21.48
C PRO B 144 5.23 8.93 -20.13
N VAL B 145 5.21 10.01 -19.35
CA VAL B 145 4.49 10.02 -18.08
C VAL B 145 3.38 11.07 -18.15
N GLU B 146 2.14 10.59 -18.04
N GLU B 146 2.13 10.63 -18.08
CA GLU B 146 0.96 11.42 -18.23
CA GLU B 146 1.02 11.56 -18.25
C GLU B 146 0.63 12.28 -17.01
C GLU B 146 0.74 12.36 -16.99
N PHE B 147 0.96 11.77 -15.83
CA PHE B 147 0.69 12.46 -14.58
C PHE B 147 1.91 12.49 -13.66
N ILE B 148 2.31 13.69 -13.24
CA ILE B 148 3.45 13.86 -12.35
C ILE B 148 3.09 14.77 -11.18
N GLY B 149 3.33 14.29 -9.97
CA GLY B 149 3.10 15.10 -8.77
C GLY B 149 4.10 16.23 -8.67
N PHE B 150 5.38 15.87 -8.56
CA PHE B 150 6.44 16.86 -8.46
C PHE B 150 7.66 16.50 -9.31
N SER B 151 8.18 17.49 -10.03
CA SER B 151 9.48 17.37 -10.66
C SER B 151 10.52 17.94 -9.70
N ILE B 152 11.44 17.10 -9.26
CA ILE B 152 12.33 17.44 -8.15
C ILE B 152 13.80 17.52 -8.58
N PRO B 153 14.61 18.31 -7.85
CA PRO B 153 16.04 18.41 -8.16
C PRO B 153 16.79 17.10 -7.92
N ASP B 154 18.06 17.06 -8.33
CA ASP B 154 18.86 15.85 -8.20
C ASP B 154 19.27 15.59 -6.74
N GLU B 155 18.28 15.35 -5.89
CA GLU B 155 18.52 15.02 -4.50
C GLU B 155 18.09 13.59 -4.23
N PHE B 156 18.70 12.96 -3.22
CA PHE B 156 18.25 11.64 -2.81
C PHE B 156 17.15 11.79 -1.77
N VAL B 157 15.92 11.47 -2.18
CA VAL B 157 14.77 11.72 -1.34
C VAL B 157 14.29 10.47 -0.59
N VAL B 158 13.68 10.69 0.56
CA VAL B 158 13.11 9.62 1.36
C VAL B 158 11.72 10.01 1.86
N GLY B 159 11.03 9.07 2.47
CA GLY B 159 9.71 9.34 3.01
C GLY B 159 8.60 8.97 2.05
N TYR B 160 7.39 8.88 2.58
CA TYR B 160 6.19 8.58 1.80
C TYR B 160 6.35 7.29 0.98
N GLY B 161 6.87 6.26 1.63
CA GLY B 161 7.05 4.97 0.99
C GLY B 161 8.44 4.78 0.41
N ILE B 162 9.13 5.89 0.16
CA ILE B 162 10.48 5.85 -0.37
C ILE B 162 11.50 5.70 0.75
N ASP B 163 12.47 4.82 0.55
CA ASP B 163 13.38 4.44 1.63
C ASP B 163 14.85 4.78 1.37
N TYR B 164 15.62 4.81 2.45
CA TYR B 164 17.08 4.83 2.38
C TYR B 164 17.61 3.73 3.29
N ALA B 165 18.13 2.66 2.68
CA ALA B 165 18.53 1.46 3.40
C ALA B 165 17.35 0.93 4.23
N GLN B 166 16.21 0.79 3.56
CA GLN B 166 14.98 0.27 4.15
C GLN B 166 14.44 1.14 5.29
N ARG B 167 14.88 2.40 5.33
CA ARG B 167 14.50 3.30 6.41
C ARG B 167 13.69 4.49 5.88
N TYR B 168 12.84 5.05 6.75
CA TYR B 168 12.09 6.29 6.52
C TYR B 168 10.86 6.17 5.60
N ARG B 169 10.38 4.95 5.37
CA ARG B 169 9.20 4.79 4.51
C ARG B 169 7.94 5.41 5.13
N HIS B 170 7.88 5.40 6.46
CA HIS B 170 6.68 5.80 7.18
C HIS B 170 6.54 7.30 7.36
N LEU B 171 7.48 8.06 6.79
CA LEU B 171 7.43 9.52 6.88
C LEU B 171 6.28 10.07 6.04
N PRO B 172 5.46 10.94 6.65
CA PRO B 172 4.30 11.55 5.97
C PRO B 172 4.71 12.69 5.03
N TYR B 173 6.01 12.96 4.95
CA TYR B 173 6.53 14.01 4.09
C TYR B 173 7.68 13.50 3.24
N ILE B 174 8.05 14.25 2.22
CA ILE B 174 9.22 13.93 1.41
C ILE B 174 10.43 14.68 1.94
N GLY B 175 11.41 13.94 2.43
CA GLY B 175 12.64 14.54 2.94
C GLY B 175 13.82 14.19 2.06
N LYS B 176 14.92 14.94 2.22
CA LYS B 176 16.14 14.64 1.48
C LYS B 176 17.26 14.26 2.44
N VAL B 177 18.02 13.24 2.07
CA VAL B 177 19.14 12.78 2.89
C VAL B 177 20.36 13.69 2.71
N ILE B 178 20.83 14.25 3.82
CA ILE B 178 22.02 15.09 3.80
C ILE B 178 23.15 14.44 4.58
N LEU B 179 24.26 14.15 3.90
CA LEU B 179 25.40 13.51 4.53
C LEU B 179 26.20 14.49 5.37
N LEU B 180 26.92 13.98 6.36
CA LEU B 180 27.71 14.82 7.26
C LEU B 180 29.19 14.77 6.94
N ASP B 181 30.01 14.97 7.97
CA ASP B 181 31.47 14.98 7.84
C ASP B 181 31.94 15.97 6.79
OAD 3L7 C . -6.19 -10.25 -1.25
PBA 3L7 C . -7.52 -9.97 -0.61
OAE 3L7 C . -8.39 -11.18 -0.71
OAB 3L7 C . -8.18 -8.82 -1.32
CAP 3L7 C . -7.27 -9.55 1.14
CAK 3L7 C . -7.05 -10.77 1.99
OAU 3L7 C . -7.78 -10.61 3.20
CAJ 3L7 C . -8.37 -11.80 3.66
CAL 3L7 C . -9.82 -11.50 4.02
NAY 3L7 C . -10.49 -12.71 4.43
CAN 3L7 C . -9.70 -13.41 5.37
CAQ 3L7 C . -10.56 -14.29 6.26
PBB 3L7 C . -9.59 -15.02 7.65
OAF 3L7 C . -9.13 -16.41 7.26
OAG 3L7 C . -8.39 -14.15 7.93
OAC 3L7 C . -10.43 -15.12 8.90
CAM 3L7 C . -11.75 -12.39 5.01
CAO 3L7 C . -12.68 -11.75 3.98
N9 3L7 C . -13.85 -11.26 4.59
C4 3L7 C . -14.56 -10.32 4.07
N3 3L7 C . -14.43 -9.60 2.96
C2 3L7 C . -15.33 -8.64 2.64
N1 3L7 C . -16.39 -8.44 3.50
C6 3L7 C . -16.50 -9.19 4.65
O6 3L7 C . -17.56 -8.98 5.51
C5 3L7 C . -15.59 -10.13 4.94
N7 3L7 C . -15.39 -11.05 5.98
C8 3L7 C . -14.29 -11.72 5.69
MG MG D . -6.95 -9.36 4.87
N1 EPE E . 7.42 -6.28 23.18
C2 EPE E . 7.22 -7.74 23.19
C3 EPE E . 5.75 -8.18 23.12
N4 EPE E . 4.90 -7.37 22.26
C5 EPE E . 5.34 -6.02 21.98
C6 EPE E . 6.19 -5.50 23.13
C7 EPE E . 3.48 -7.66 22.23
C8 EPE E . 2.68 -6.57 21.51
O8 EPE E . 1.40 -6.49 22.08
C9 EPE E . 8.25 -5.86 24.32
C10 EPE E . 9.63 -5.46 23.85
S EPE E . 10.54 -4.56 25.15
O1S EPE E . 10.12 -5.05 26.46
O2S EPE E . 11.97 -4.77 24.98
O3S EPE E . 10.23 -3.13 25.04
OAD 3L7 F . 11.41 -1.56 -3.39
PBA 3L7 F . 12.20 -0.32 -3.08
OAE 3L7 F . 11.95 0.08 -1.65
OAB 3L7 F . 13.67 -0.57 -3.28
CAP 3L7 F . 11.66 1.02 -4.17
CAK 3L7 F . 11.50 0.55 -5.59
OAU 3L7 F . 11.52 1.69 -6.43
CAJ 3L7 F . 12.78 2.32 -6.52
CAL 3L7 F . 13.49 1.76 -7.75
NAY 3L7 F . 14.14 2.82 -8.48
CAN 3L7 F . 13.42 3.05 -9.70
CAQ 3L7 F . 14.07 4.16 -10.51
PBB 3L7 F . 13.86 3.93 -12.33
OAF 3L7 F . 14.46 2.61 -12.74
OAG 3L7 F . 12.40 3.95 -12.69
OAC 3L7 F . 14.58 5.05 -13.06
CAM 3L7 F . 14.16 4.01 -7.70
CAO 3L7 F . 15.50 4.19 -7.02
N9 3L7 F . 15.76 5.55 -6.71
C4 3L7 F . 15.66 6.01 -5.52
N3 3L7 F . 15.35 5.45 -4.34
C2 3L7 F . 15.32 6.19 -3.21
N1 3L7 F . 15.63 7.53 -3.30
C6 3L7 F . 15.94 8.09 -4.52
O6 3L7 F . 16.24 9.44 -4.60
C5 3L7 F . 15.96 7.33 -5.63
N7 3L7 F . 16.22 7.55 -6.99
C8 3L7 F . 16.08 6.39 -7.60
MG MG G . 9.18 2.94 -7.74
N1 EPE H . 8.82 18.26 10.24
C2 EPE H . 8.59 18.71 11.62
C3 EPE H . 9.92 19.08 12.26
N4 EPE H . 10.84 17.97 12.18
C5 EPE H . 10.41 16.77 11.47
C6 EPE H . 9.78 17.14 10.13
C7 EPE H . 12.20 18.10 12.68
C8 EPE H . 12.82 16.75 13.01
O8 EPE H . 13.99 16.96 13.79
C9 EPE H . 7.55 17.89 9.62
C10 EPE H . 6.89 19.15 9.06
S EPE H . 6.00 18.85 7.51
O1S EPE H . 6.92 19.05 6.40
O2S EPE H . 5.50 17.48 7.49
O3S EPE H . 4.89 19.78 7.40
#